data_4C98
#
_entry.id   4C98
#
_cell.length_a   68.540
_cell.length_b   68.540
_cell.length_c   133.740
_cell.angle_alpha   90.00
_cell.angle_beta   90.00
_cell.angle_gamma   90.00
#
_symmetry.space_group_name_H-M   'P 41 21 2'
#
loop_
_entity.id
_entity.type
_entity.pdbx_description
1 polymer CAS6B
2 non-polymer 'ZINC ION'
3 water water
#
_entity_poly.entity_id   1
_entity_poly.type   'polypeptide(L)'
_entity_poly.pdbx_seq_one_letter_code
;GAASMPQAVVLELVGEKPPLYPARYAHGLFFALLSRVSPELAQKLHEAPRKPFTLAPLPRAGPEGATLKGTLRLRLTTLD
DGLFAPFLRALLEAAPDGLPLGDSSYRLARVLATREGHPLAGATSWEELKEAPKREKATFRFLTPTVFATSKPGGRTRYT
PLPDPRLIAGSLLDKWQAHSPFPYNPKEEAALRELFELDLEVAGFRNLRFHRVQAGKGFFPGFTGEATLRLWSQSLEAQE
ALGRLHALAFFSGVGAKTPYGMGLAVPL
;
_entity_poly.pdbx_strand_id   A
#
# COMPACT_ATOMS: atom_id res chain seq x y z
N GLY A 1 -14.74 16.20 12.29
CA GLY A 1 -13.72 15.68 13.25
C GLY A 1 -12.36 16.29 12.98
N ALA A 2 -11.33 15.66 13.54
CA ALA A 2 -9.95 16.08 13.32
C ALA A 2 -9.46 15.71 11.93
N ALA A 3 -8.40 16.39 11.51
CA ALA A 3 -7.84 16.23 10.18
C ALA A 3 -7.45 14.79 9.89
N SER A 4 -7.92 14.28 8.76
CA SER A 4 -7.63 12.91 8.35
C SER A 4 -6.20 12.83 7.83
N MET A 5 -5.61 11.64 7.93
CA MET A 5 -4.26 11.40 7.46
C MET A 5 -4.05 9.90 7.29
N PRO A 6 -2.99 9.53 6.57
CA PRO A 6 -2.70 8.11 6.38
C PRO A 6 -2.29 7.41 7.66
N GLN A 7 -2.70 6.15 7.78
CA GLN A 7 -2.39 5.36 8.96
C GLN A 7 -2.21 3.91 8.58
N ALA A 8 -1.30 3.24 9.29
CA ALA A 8 -1.08 1.81 9.13
C ALA A 8 -1.03 1.14 10.50
N VAL A 9 -1.65 -0.04 10.57
CA VAL A 9 -1.60 -0.84 11.79
C VAL A 9 -1.36 -2.31 11.43
N VAL A 10 -0.65 -3.00 12.30
CA VAL A 10 -0.41 -4.42 12.16
C VAL A 10 -1.17 -5.19 13.23
N LEU A 11 -2.05 -6.07 12.76
CA LEU A 11 -2.83 -6.95 13.62
C LEU A 11 -2.10 -8.27 13.76
N GLU A 12 -1.76 -8.59 15.01
CA GLU A 12 -1.02 -9.79 15.33
C GLU A 12 -1.96 -10.90 15.75
N LEU A 13 -2.02 -11.95 14.95
CA LEU A 13 -2.85 -13.11 15.24
C LEU A 13 -1.96 -14.28 15.60
N VAL A 14 -2.38 -15.06 16.58
CA VAL A 14 -1.66 -16.27 16.95
C VAL A 14 -2.62 -17.44 16.93
N GLY A 15 -2.23 -18.46 16.18
CA GLY A 15 -3.07 -19.63 15.96
C GLY A 15 -2.43 -20.85 16.55
N GLU A 16 -3.20 -21.56 17.35
CA GLU A 16 -2.72 -22.73 18.06
C GLU A 16 -2.43 -23.87 17.09
N LYS A 17 -3.31 -24.05 16.10
CA LYS A 17 -3.11 -25.01 15.03
C LYS A 17 -3.41 -24.33 13.70
N PRO A 18 -2.39 -23.72 13.09
CA PRO A 18 -2.67 -22.89 11.91
C PRO A 18 -2.96 -23.73 10.66
N PRO A 19 -3.79 -23.20 9.75
CA PRO A 19 -3.93 -23.91 8.48
C PRO A 19 -2.62 -23.92 7.70
N LEU A 20 -2.68 -24.64 6.59
CA LEU A 20 -1.51 -24.91 5.78
C LEU A 20 -0.90 -23.70 5.11
N TYR A 21 -1.73 -22.94 4.41
CA TYR A 21 -1.25 -21.81 3.62
C TYR A 21 -1.99 -20.56 4.10
N PRO A 22 -1.62 -20.10 5.31
CA PRO A 22 -2.36 -19.13 6.13
C PRO A 22 -2.70 -17.79 5.48
N ALA A 23 -1.78 -17.23 4.70
CA ALA A 23 -1.99 -15.91 4.12
C ALA A 23 -3.32 -15.81 3.37
N ARG A 24 -3.68 -16.88 2.67
CA ARG A 24 -4.91 -16.86 1.88
C ARG A 24 -6.11 -16.45 2.75
N TYR A 25 -6.03 -16.77 4.03
CA TYR A 25 -7.17 -16.57 4.92
C TYR A 25 -7.25 -15.15 5.44
N ALA A 26 -6.43 -14.26 4.92
CA ALA A 26 -6.41 -12.86 5.39
C ALA A 26 -7.79 -12.19 5.41
N HIS A 27 -8.50 -12.24 4.28
CA HIS A 27 -9.83 -11.63 4.15
C HIS A 27 -10.83 -12.19 5.16
N GLY A 28 -10.98 -13.51 5.19
CA GLY A 28 -11.99 -14.15 6.02
C GLY A 28 -11.86 -13.74 7.47
N LEU A 29 -10.62 -13.60 7.93
CA LEU A 29 -10.34 -13.23 9.31
C LEU A 29 -10.58 -11.75 9.59
N PHE A 30 -10.04 -10.87 8.76
CA PHE A 30 -10.13 -9.43 9.00
C PHE A 30 -11.56 -9.02 9.25
N PHE A 31 -12.45 -9.52 8.40
CA PHE A 31 -13.88 -9.34 8.58
C PHE A 31 -14.39 -9.95 9.86
N ALA A 32 -13.85 -11.12 10.22
CA ALA A 32 -14.37 -11.86 11.36
C ALA A 32 -14.20 -11.01 12.61
N LEU A 33 -13.02 -10.43 12.76
CA LEU A 33 -12.70 -9.58 13.89
C LEU A 33 -13.53 -8.32 13.81
N LEU A 34 -13.67 -7.85 12.59
CA LEU A 34 -14.37 -6.62 12.33
C LEU A 34 -15.86 -6.83 12.59
N SER A 35 -16.32 -8.03 12.25
CA SER A 35 -17.73 -8.37 12.38
C SER A 35 -18.06 -8.76 13.80
N ARG A 36 -17.04 -9.20 14.54
CA ARG A 36 -17.26 -9.72 15.87
C ARG A 36 -17.91 -8.64 16.74
N VAL A 37 -17.40 -7.41 16.61
CA VAL A 37 -17.97 -6.26 17.29
C VAL A 37 -19.17 -5.71 16.56
N SER A 38 -19.02 -5.53 15.26
CA SER A 38 -19.91 -4.73 14.47
C SER A 38 -20.14 -5.50 13.18
N PRO A 39 -20.98 -6.54 13.25
CA PRO A 39 -21.35 -7.27 12.05
C PRO A 39 -21.77 -6.30 10.96
N GLU A 40 -22.39 -5.19 11.37
CA GLU A 40 -22.97 -4.23 10.43
C GLU A 40 -21.97 -3.52 9.55
N LEU A 41 -20.86 -3.13 10.15
CA LEU A 41 -19.86 -2.33 9.47
C LEU A 41 -19.08 -3.23 8.49
N ALA A 42 -18.88 -4.49 8.87
CA ALA A 42 -18.26 -5.50 8.03
C ALA A 42 -18.98 -5.65 6.68
N GLN A 43 -20.28 -5.42 6.72
CA GLN A 43 -21.17 -5.68 5.60
C GLN A 43 -20.91 -4.71 4.46
N LYS A 44 -20.89 -3.41 4.76
CA LYS A 44 -20.69 -2.41 3.74
C LYS A 44 -19.38 -2.67 3.02
N LEU A 45 -18.38 -3.13 3.77
CA LEU A 45 -17.06 -3.36 3.21
C LEU A 45 -17.03 -4.58 2.32
N HIS A 46 -17.55 -5.72 2.79
CA HIS A 46 -17.62 -6.88 1.93
C HIS A 46 -18.40 -6.54 0.67
N GLU A 47 -19.43 -5.71 0.83
CA GLU A 47 -20.27 -5.29 -0.30
C GLU A 47 -19.63 -4.21 -1.18
N ALA A 48 -19.06 -3.19 -0.55
CA ALA A 48 -18.56 -1.99 -1.24
C ALA A 48 -17.60 -2.27 -2.40
N PRO A 49 -17.76 -1.58 -3.54
CA PRO A 49 -16.61 -1.50 -4.45
C PRO A 49 -15.74 -0.29 -4.07
N ARG A 50 -16.21 0.50 -3.12
CA ARG A 50 -15.43 1.60 -2.55
C ARG A 50 -14.61 1.02 -1.40
N LYS A 51 -13.36 0.65 -1.67
CA LYS A 51 -12.49 0.10 -0.64
C LYS A 51 -11.42 1.12 -0.26
N PRO A 52 -11.67 1.89 0.80
CA PRO A 52 -10.78 2.99 1.19
C PRO A 52 -9.69 2.48 2.11
N PHE A 53 -9.08 1.36 1.74
CA PHE A 53 -8.08 0.74 2.59
C PHE A 53 -7.21 -0.23 1.79
N THR A 54 -6.10 -0.62 2.39
CA THR A 54 -5.30 -1.74 1.92
C THR A 54 -5.24 -2.75 3.04
N LEU A 55 -5.21 -4.03 2.67
CA LEU A 55 -5.12 -5.09 3.65
C LEU A 55 -4.26 -6.20 3.09
N ALA A 56 -3.18 -6.54 3.78
CA ALA A 56 -2.29 -7.59 3.28
C ALA A 56 -1.65 -8.39 4.40
N PRO A 57 -1.49 -9.71 4.21
CA PRO A 57 -0.78 -10.52 5.19
C PRO A 57 0.71 -10.35 5.03
N LEU A 58 1.43 -10.24 6.14
CA LEU A 58 2.87 -10.11 6.07
C LEU A 58 3.54 -11.47 5.93
N PRO A 59 4.67 -11.51 5.20
CA PRO A 59 5.57 -12.66 5.13
C PRO A 59 6.65 -12.60 6.21
N GLY A 70 2.95 -20.01 14.00
CA GLY A 70 1.64 -19.83 14.60
C GLY A 70 1.14 -18.40 14.49
N THR A 71 2.07 -17.47 14.30
CA THR A 71 1.71 -16.05 14.22
C THR A 71 1.40 -15.64 12.79
N LEU A 72 0.24 -15.01 12.59
CA LEU A 72 -0.10 -14.38 11.32
C LEU A 72 -0.31 -12.89 11.53
N ARG A 73 0.41 -12.07 10.77
CA ARG A 73 0.29 -10.62 10.89
C ARG A 73 -0.42 -10.04 9.69
N LEU A 74 -1.51 -9.33 9.96
CA LEU A 74 -2.28 -8.67 8.92
C LEU A 74 -2.06 -7.18 9.01
N ARG A 75 -1.59 -6.59 7.91
CA ARG A 75 -1.34 -5.16 7.87
C ARG A 75 -2.49 -4.46 7.18
N LEU A 76 -3.01 -3.44 7.86
CA LEU A 76 -4.08 -2.63 7.34
C LEU A 76 -3.60 -1.19 7.25
N THR A 77 -3.89 -0.54 6.13
CA THR A 77 -3.59 0.89 6.01
C THR A 77 -4.77 1.61 5.39
N THR A 78 -4.80 2.91 5.64
CA THR A 78 -5.75 3.78 4.97
C THR A 78 -5.08 5.12 4.75
N LEU A 79 -5.58 5.86 3.77
CA LEU A 79 -5.14 7.22 3.53
C LEU A 79 -6.11 8.19 4.20
N ASP A 80 -7.23 7.66 4.70
CA ASP A 80 -8.14 8.42 5.56
C ASP A 80 -8.34 7.80 6.94
N ASP A 81 -7.58 8.34 7.89
CA ASP A 81 -7.72 8.09 9.34
C ASP A 81 -9.12 7.80 9.86
N GLY A 82 -10.09 8.63 9.45
CA GLY A 82 -11.37 8.68 10.13
C GLY A 82 -12.16 7.38 10.09
N LEU A 83 -11.96 6.63 9.01
CA LEU A 83 -12.86 5.53 8.66
C LEU A 83 -12.71 4.32 9.58
N PHE A 84 -11.48 4.03 9.98
CA PHE A 84 -11.18 2.85 10.81
C PHE A 84 -10.82 3.21 12.25
N ALA A 85 -11.05 4.47 12.61
CA ALA A 85 -10.81 4.93 13.97
C ALA A 85 -11.69 4.19 15.01
N PRO A 86 -12.98 3.98 14.71
CA PRO A 86 -13.81 3.38 15.75
C PRO A 86 -13.38 1.94 15.99
N PHE A 87 -13.12 1.25 14.89
CA PHE A 87 -12.61 -0.09 14.90
C PHE A 87 -11.33 -0.16 15.73
N LEU A 88 -10.37 0.71 15.43
CA LEU A 88 -9.11 0.74 16.17
C LEU A 88 -9.37 1.01 17.66
N ARG A 89 -10.40 1.81 17.96
CA ARG A 89 -10.75 2.06 19.36
C ARG A 89 -11.26 0.79 20.04
N ALA A 90 -12.08 0.02 19.33
CA ALA A 90 -12.55 -1.26 19.86
C ALA A 90 -11.39 -2.16 20.28
N LEU A 91 -10.30 -2.08 19.52
CA LEU A 91 -9.12 -2.88 19.78
C LEU A 91 -8.06 -2.04 20.49
N SER A 104 -10.04 -20.15 12.47
CA SER A 104 -9.32 -21.32 12.95
C SER A 104 -9.13 -21.23 14.48
N SER A 105 -7.89 -21.43 14.93
CA SER A 105 -7.53 -21.27 16.34
C SER A 105 -6.82 -19.93 16.48
N TYR A 106 -7.00 -19.06 15.48
CA TYR A 106 -6.38 -17.74 15.47
C TYR A 106 -7.14 -16.82 16.43
N ARG A 107 -6.44 -16.28 17.41
CA ARG A 107 -6.94 -15.15 18.19
C ARG A 107 -6.05 -13.94 17.98
N LEU A 108 -6.64 -12.78 18.25
CA LEU A 108 -5.94 -11.51 18.11
C LEU A 108 -5.17 -11.15 19.38
N ALA A 109 -3.85 -11.29 19.30
CA ALA A 109 -2.97 -11.02 20.43
C ALA A 109 -2.68 -9.53 20.63
N ARG A 110 -2.39 -8.83 19.53
CA ARG A 110 -2.00 -7.43 19.63
C ARG A 110 -2.43 -6.60 18.44
N VAL A 111 -2.72 -5.34 18.74
CA VAL A 111 -2.85 -4.32 17.73
C VAL A 111 -1.66 -3.39 17.84
N LEU A 112 -0.88 -3.32 16.76
CA LEU A 112 0.28 -2.46 16.73
C LEU A 112 0.03 -1.30 15.78
N ALA A 113 -0.10 -0.11 16.36
CA ALA A 113 -0.49 1.07 15.63
C ALA A 113 0.65 2.07 15.64
N THR A 114 1.80 1.63 16.13
CA THR A 114 2.97 2.49 16.25
C THR A 114 4.21 1.82 15.62
N ARG A 115 5.16 2.63 15.15
CA ARG A 115 6.43 2.12 14.60
C ARG A 115 7.23 1.34 15.65
N GLU A 116 7.16 1.80 16.89
CA GLU A 116 7.72 1.14 18.06
C GLU A 116 7.18 -0.28 18.20
N GLY A 117 5.89 -0.46 17.94
CA GLY A 117 5.29 -1.77 17.94
C GLY A 117 5.71 -2.62 16.75
N HIS A 118 5.74 -2.02 15.56
CA HIS A 118 6.10 -2.75 14.34
C HIS A 118 6.56 -1.76 13.27
N PRO A 119 7.69 -2.05 12.58
CA PRO A 119 8.28 -1.13 11.60
C PRO A 119 7.33 -0.71 10.47
N LEU A 120 6.27 -1.48 10.24
CA LEU A 120 5.33 -1.24 9.15
C LEU A 120 4.02 -0.66 9.65
N ALA A 121 4.00 -0.30 10.94
CA ALA A 121 2.83 0.35 11.52
C ALA A 121 3.17 1.79 11.85
N GLY A 122 2.15 2.62 11.99
CA GLY A 122 2.34 4.01 12.31
C GLY A 122 1.52 4.94 11.44
N ALA A 123 1.55 6.22 11.78
CA ALA A 123 0.85 7.24 11.02
C ALA A 123 1.76 8.42 10.69
N THR A 124 1.44 9.09 9.59
CA THR A 124 2.19 10.24 9.14
C THR A 124 1.20 11.23 8.55
N SER A 125 1.36 12.51 8.89
CA SER A 125 0.48 13.55 8.37
C SER A 125 0.77 13.82 6.90
N TRP A 126 -0.21 14.34 6.17
CA TRP A 126 -0.01 14.74 4.79
C TRP A 126 1.06 15.83 4.72
N GLU A 127 1.07 16.69 5.74
CA GLU A 127 2.06 17.76 5.82
C GLU A 127 3.46 17.16 5.89
N GLU A 128 3.65 16.16 6.75
CA GLU A 128 4.93 15.48 6.86
C GLU A 128 5.32 14.83 5.54
N LEU A 129 4.36 14.22 4.86
CA LEU A 129 4.65 13.56 3.58
C LEU A 129 5.15 14.60 2.61
N LYS A 130 4.49 15.76 2.61
CA LYS A 130 4.96 16.89 1.83
C LYS A 130 6.35 17.35 2.28
N GLU A 131 6.64 17.30 3.58
CA GLU A 131 8.00 17.67 4.06
C GLU A 131 9.09 16.67 3.64
N ALA A 132 8.75 15.64 2.88
CA ALA A 132 9.72 14.58 2.57
C ALA A 132 10.95 15.05 1.77
N PRO A 133 12.17 14.63 2.17
CA PRO A 133 13.37 15.08 1.43
C PRO A 133 13.37 14.65 -0.04
N LYS A 134 13.90 15.53 -0.89
CA LYS A 134 14.00 15.26 -2.32
C LYS A 134 14.92 14.09 -2.59
N ARG A 135 14.71 13.44 -3.73
CA ARG A 135 15.45 12.23 -4.08
C ARG A 135 15.80 12.18 -5.54
N GLU A 136 17.03 11.76 -5.81
CA GLU A 136 17.47 11.41 -7.16
C GLU A 136 17.14 9.95 -7.38
N LYS A 137 17.20 9.17 -6.32
CA LYS A 137 16.93 7.75 -6.37
C LYS A 137 15.92 7.34 -5.32
N ALA A 138 15.11 6.33 -5.63
CA ALA A 138 14.14 5.81 -4.67
C ALA A 138 14.00 4.31 -4.78
N THR A 139 14.23 3.61 -3.68
CA THR A 139 14.15 2.14 -3.66
C THR A 139 12.90 1.69 -2.93
N PHE A 140 12.25 0.66 -3.49
CA PHE A 140 11.06 0.08 -2.90
C PHE A 140 11.23 -1.42 -2.71
N ARG A 141 10.72 -1.91 -1.59
CA ARG A 141 10.64 -3.35 -1.34
C ARG A 141 9.20 -3.80 -1.47
N PHE A 142 8.94 -4.60 -2.51
CA PHE A 142 7.61 -5.11 -2.77
C PHE A 142 7.44 -6.43 -2.04
N LEU A 143 6.72 -6.38 -0.93
CA LEU A 143 6.58 -7.52 -0.03
C LEU A 143 5.51 -8.49 -0.48
N THR A 144 4.50 -7.97 -1.17
CA THR A 144 3.46 -8.81 -1.74
C THR A 144 3.39 -8.59 -3.24
N PRO A 145 2.84 -9.57 -3.98
CA PRO A 145 2.83 -9.47 -5.43
C PRO A 145 2.25 -8.15 -5.88
N THR A 146 2.92 -7.48 -6.81
CA THR A 146 2.55 -6.15 -7.24
C THR A 146 2.30 -6.17 -8.74
N VAL A 147 1.24 -5.51 -9.19
CA VAL A 147 0.90 -5.51 -10.60
C VAL A 147 0.25 -4.20 -10.99
N PHE A 148 0.42 -3.83 -12.26
CA PHE A 148 -0.22 -2.63 -12.79
C PHE A 148 -1.32 -2.94 -13.79
N ALA A 149 -2.45 -2.25 -13.63
CA ALA A 149 -3.59 -2.42 -14.50
C ALA A 149 -3.66 -1.27 -15.48
N THR A 150 -3.63 -1.60 -16.77
CA THR A 150 -3.80 -0.63 -17.83
C THR A 150 -4.99 -1.06 -18.68
N SER A 151 -5.90 -0.11 -18.93
CA SER A 151 -7.08 -0.41 -19.72
C SER A 151 -6.69 -0.41 -21.19
N LYS A 152 -7.17 -1.42 -21.91
CA LYS A 152 -6.97 -1.51 -23.36
C LYS A 152 -8.33 -1.73 -24.03
N THR A 157 -8.48 -5.47 -19.76
CA THR A 157 -7.48 -4.82 -18.92
C THR A 157 -6.16 -5.58 -18.99
N ARG A 158 -5.08 -4.87 -19.26
CA ARG A 158 -3.75 -5.47 -19.29
C ARG A 158 -3.11 -5.41 -17.91
N TYR A 159 -2.51 -6.52 -17.50
CA TYR A 159 -1.83 -6.60 -16.22
C TYR A 159 -0.33 -6.75 -16.42
N THR A 160 0.41 -5.79 -15.86
CA THR A 160 1.86 -5.78 -15.96
C THR A 160 2.50 -6.08 -14.61
N PRO A 161 3.04 -7.30 -14.45
CA PRO A 161 3.71 -7.78 -13.23
C PRO A 161 5.22 -7.53 -13.29
N LEU A 162 5.60 -6.28 -13.58
CA LEU A 162 7.00 -5.90 -13.66
C LEU A 162 7.20 -4.52 -13.05
N PRO A 163 8.39 -4.26 -12.49
CA PRO A 163 8.73 -2.96 -11.89
C PRO A 163 9.04 -1.89 -12.95
N ASP A 164 8.06 -1.56 -13.78
CA ASP A 164 8.19 -0.49 -14.74
C ASP A 164 8.25 0.83 -13.97
N PRO A 165 9.32 1.63 -14.18
CA PRO A 165 9.51 2.85 -13.38
C PRO A 165 8.37 3.86 -13.55
N ARG A 166 7.92 4.01 -14.79
CA ARG A 166 6.86 4.95 -15.12
C ARG A 166 5.54 4.54 -14.47
N LEU A 167 5.29 3.25 -14.41
CA LEU A 167 4.06 2.74 -13.82
C LEU A 167 4.08 2.86 -12.29
N ILE A 168 5.23 2.56 -11.69
CA ILE A 168 5.39 2.71 -10.25
C ILE A 168 5.13 4.17 -9.84
N ALA A 169 5.90 5.08 -10.44
CA ALA A 169 5.75 6.50 -10.12
C ALA A 169 4.36 7.02 -10.49
N GLY A 170 3.84 6.62 -11.65
CA GLY A 170 2.52 7.05 -12.09
C GLY A 170 1.38 6.57 -11.19
N SER A 171 1.49 5.33 -10.73
CA SER A 171 0.52 4.79 -9.78
C SER A 171 0.56 5.59 -8.47
N LEU A 172 1.76 5.81 -7.94
CA LEU A 172 1.88 6.60 -6.72
C LEU A 172 1.31 8.02 -6.90
N LEU A 173 1.62 8.65 -8.03
CA LEU A 173 1.10 9.99 -8.31
C LEU A 173 -0.42 9.97 -8.41
N ASP A 174 -0.97 8.94 -9.05
CA ASP A 174 -2.42 8.76 -9.09
C ASP A 174 -3.00 8.76 -7.67
N LYS A 175 -2.40 7.97 -6.79
CA LYS A 175 -2.89 7.89 -5.41
C LYS A 175 -2.77 9.24 -4.67
N TRP A 176 -1.62 9.89 -4.83
CA TRP A 176 -1.44 11.21 -4.25
C TRP A 176 -2.52 12.20 -4.72
N GLN A 177 -2.69 12.29 -6.03
CA GLN A 177 -3.68 13.22 -6.59
C GLN A 177 -5.09 12.87 -6.13
N ALA A 178 -5.40 11.58 -6.06
CA ALA A 178 -6.71 11.14 -5.63
C ALA A 178 -7.01 11.42 -4.15
N HIS A 179 -6.01 11.27 -3.29
CA HIS A 179 -6.27 11.33 -1.85
C HIS A 179 -5.61 12.47 -1.04
N SER A 180 -4.60 13.13 -1.59
CA SER A 180 -3.92 14.17 -0.81
C SER A 180 -4.72 15.48 -0.76
N PRO A 181 -4.69 16.17 0.40
CA PRO A 181 -5.25 17.52 0.47
C PRO A 181 -4.37 18.53 -0.27
N PHE A 182 -3.17 18.10 -0.68
CA PHE A 182 -2.25 18.97 -1.41
C PHE A 182 -1.91 18.40 -2.78
N PRO A 183 -2.93 18.27 -3.64
CA PRO A 183 -2.67 17.75 -4.98
C PRO A 183 -1.85 18.73 -5.80
N TYR A 184 -1.10 18.19 -6.76
CA TYR A 184 -0.46 19.04 -7.76
C TYR A 184 -1.54 19.59 -8.65
N ASN A 185 -1.34 20.80 -9.16
CA ASN A 185 -2.26 21.34 -10.16
C ASN A 185 -2.01 20.63 -11.49
N PRO A 186 -2.95 20.73 -12.44
CA PRO A 186 -2.90 20.00 -13.71
C PRO A 186 -1.58 20.11 -14.47
N LYS A 187 -1.02 21.32 -14.50
CA LYS A 187 0.20 21.58 -15.24
C LYS A 187 1.42 20.99 -14.50
N GLU A 188 1.43 21.14 -13.18
CA GLU A 188 2.44 20.49 -12.35
C GLU A 188 2.38 18.98 -12.59
N GLU A 189 1.17 18.43 -12.50
CA GLU A 189 0.97 16.99 -12.68
C GLU A 189 1.48 16.53 -14.04
N ALA A 190 1.06 17.22 -15.10
CA ALA A 190 1.45 16.83 -16.44
C ALA A 190 2.97 16.95 -16.62
N ALA A 191 3.55 18.02 -16.10
CA ALA A 191 4.99 18.21 -16.13
C ALA A 191 5.69 17.02 -15.46
N LEU A 192 5.19 16.63 -14.30
CA LEU A 192 5.76 15.49 -13.59
C LEU A 192 5.66 14.22 -14.42
N ARG A 193 4.48 13.95 -14.96
CA ARG A 193 4.29 12.75 -15.75
C ARG A 193 5.21 12.72 -16.98
N GLU A 194 5.39 13.86 -17.63
CA GLU A 194 6.29 13.93 -18.78
C GLU A 194 7.74 13.72 -18.33
N LEU A 195 8.12 14.31 -17.20
CA LEU A 195 9.46 14.08 -16.65
C LEU A 195 9.70 12.61 -16.36
N PHE A 196 8.71 11.95 -15.74
CA PHE A 196 8.80 10.53 -15.48
C PHE A 196 8.97 9.75 -16.77
N GLU A 197 8.11 10.05 -17.75
CA GLU A 197 8.19 9.37 -19.04
C GLU A 197 9.57 9.54 -19.69
N LEU A 198 10.11 10.74 -19.58
CA LEU A 198 11.38 11.05 -20.22
C LEU A 198 12.64 10.61 -19.45
N ASP A 199 12.63 10.76 -18.13
CA ASP A 199 13.88 10.77 -17.35
C ASP A 199 13.94 9.81 -16.18
N LEU A 200 12.90 9.01 -15.98
CA LEU A 200 12.88 8.05 -14.88
C LEU A 200 13.27 6.67 -15.40
N GLU A 201 14.28 6.08 -14.75
CA GLU A 201 14.80 4.77 -15.13
C GLU A 201 14.68 3.82 -13.96
N VAL A 202 14.66 2.52 -14.26
CA VAL A 202 14.87 1.52 -13.23
C VAL A 202 16.37 1.25 -13.15
N ALA A 203 16.96 1.72 -12.06
CA ALA A 203 18.41 1.72 -11.86
C ALA A 203 18.90 0.37 -11.39
N GLY A 204 17.99 -0.45 -10.89
CA GLY A 204 18.33 -1.77 -10.42
C GLY A 204 17.13 -2.50 -9.84
N PHE A 205 17.28 -3.82 -9.66
CA PHE A 205 16.32 -4.61 -8.90
C PHE A 205 16.98 -5.83 -8.26
N ARG A 206 16.39 -6.30 -7.16
CA ARG A 206 16.93 -7.45 -6.40
C ARG A 206 15.81 -8.43 -6.08
N ASN A 207 16.18 -9.70 -5.98
CA ASN A 207 15.30 -10.75 -5.47
C ASN A 207 13.92 -10.71 -6.13
N LEU A 208 13.88 -10.42 -7.41
CA LEU A 208 12.61 -10.33 -8.13
C LEU A 208 12.01 -11.71 -8.31
N ARG A 209 10.72 -11.85 -8.00
CA ARG A 209 10.04 -13.13 -8.19
C ARG A 209 8.62 -12.93 -8.72
N PHE A 210 8.21 -13.85 -9.58
CA PHE A 210 6.88 -13.84 -10.17
C PHE A 210 5.91 -14.65 -9.33
N HIS A 211 4.70 -14.12 -9.17
CA HIS A 211 3.67 -14.78 -8.39
C HIS A 211 2.37 -14.71 -9.17
N ARG A 212 1.44 -15.61 -8.85
CA ARG A 212 0.07 -15.50 -9.35
C ARG A 212 -0.87 -15.80 -8.20
N VAL A 213 -1.64 -14.79 -7.80
CA VAL A 213 -2.40 -14.88 -6.56
C VAL A 213 -3.83 -14.43 -6.70
N GLN A 214 -4.67 -14.89 -5.78
CA GLN A 214 -6.05 -14.45 -5.74
C GLN A 214 -6.13 -13.06 -5.11
N ALA A 215 -6.79 -12.16 -5.81
CA ALA A 215 -7.03 -10.81 -5.32
C ALA A 215 -8.50 -10.51 -5.54
N GLY A 216 -9.31 -10.82 -4.54
CA GLY A 216 -10.75 -10.78 -4.67
C GLY A 216 -11.24 -12.08 -5.28
N LYS A 217 -12.04 -11.94 -6.31
CA LYS A 217 -12.67 -13.08 -6.98
C LYS A 217 -11.73 -13.82 -7.94
N GLY A 218 -10.89 -13.07 -8.66
CA GLY A 218 -10.02 -13.64 -9.67
C GLY A 218 -8.57 -13.75 -9.26
N PHE A 219 -7.75 -14.32 -10.16
CA PHE A 219 -6.32 -14.48 -9.94
C PHE A 219 -5.54 -13.55 -10.84
N PHE A 220 -4.46 -13.00 -10.30
CA PHE A 220 -3.66 -12.05 -11.05
C PHE A 220 -2.16 -12.28 -10.85
N PRO A 221 -1.38 -11.97 -11.88
CA PRO A 221 0.08 -12.08 -11.79
C PRO A 221 0.61 -10.89 -11.02
N GLY A 222 1.75 -11.06 -10.36
CA GLY A 222 2.40 -9.94 -9.71
C GLY A 222 3.83 -10.28 -9.37
N PHE A 223 4.63 -9.26 -9.07
CA PHE A 223 6.02 -9.50 -8.72
C PHE A 223 6.30 -9.07 -7.29
N THR A 224 7.30 -9.70 -6.69
CA THR A 224 7.87 -9.24 -5.42
C THR A 224 9.35 -9.03 -5.60
N GLY A 225 9.96 -8.35 -4.63
CA GLY A 225 11.39 -8.08 -4.67
C GLY A 225 11.66 -6.63 -4.36
N GLU A 226 12.82 -6.14 -4.78
CA GLU A 226 13.18 -4.76 -4.57
C GLU A 226 13.49 -4.13 -5.91
N ALA A 227 13.11 -2.87 -6.05
CA ALA A 227 13.48 -2.13 -7.26
C ALA A 227 13.83 -0.70 -6.93
N THR A 228 14.81 -0.18 -7.69
CA THR A 228 15.31 1.17 -7.49
C THR A 228 15.05 2.04 -8.71
N LEU A 229 14.40 3.17 -8.48
CA LEU A 229 14.13 4.14 -9.52
C LEU A 229 15.17 5.25 -9.45
N ARG A 230 15.59 5.73 -10.61
CA ARG A 230 16.54 6.84 -10.67
C ARG A 230 16.10 7.89 -11.68
N LEU A 231 16.20 9.16 -11.27
CA LEU A 231 16.08 10.28 -12.18
C LEU A 231 17.40 10.53 -12.89
N TRP A 232 17.37 10.43 -14.21
CA TRP A 232 18.50 10.85 -15.03
C TRP A 232 18.67 12.33 -14.81
N SER A 233 17.55 13.00 -14.58
CA SER A 233 17.51 14.44 -14.46
C SER A 233 17.92 14.97 -13.10
N GLN A 234 18.58 16.12 -13.14
CA GLN A 234 18.64 17.03 -12.01
C GLN A 234 17.49 18.01 -12.19
N SER A 235 16.42 17.80 -11.45
CA SER A 235 15.26 18.67 -11.49
C SER A 235 14.63 18.69 -10.12
N LEU A 236 14.60 19.87 -9.49
CA LEU A 236 14.18 19.97 -8.11
C LEU A 236 12.73 19.49 -7.94
N GLU A 237 11.90 19.86 -8.91
CA GLU A 237 10.48 19.56 -8.89
C GLU A 237 10.28 18.05 -8.86
N ALA A 238 10.98 17.40 -9.78
CA ALA A 238 10.92 15.96 -9.96
C ALA A 238 11.46 15.26 -8.72
N GLN A 239 12.60 15.72 -8.21
CA GLN A 239 13.23 15.12 -7.05
C GLN A 239 12.30 15.20 -5.82
N GLU A 240 11.71 16.37 -5.62
CA GLU A 240 10.77 16.57 -4.51
C GLU A 240 9.56 15.64 -4.65
N ALA A 241 9.00 15.60 -5.86
CA ALA A 241 7.90 14.69 -6.14
C ALA A 241 8.29 13.26 -5.82
N LEU A 242 9.47 12.84 -6.28
CA LEU A 242 9.93 11.48 -6.06
C LEU A 242 10.02 11.18 -4.56
N GLY A 243 10.57 12.11 -3.78
CA GLY A 243 10.61 11.95 -2.34
C GLY A 243 9.24 11.77 -1.69
N ARG A 244 8.30 12.63 -2.08
CA ARG A 244 6.94 12.54 -1.56
C ARG A 244 6.25 11.22 -1.92
N LEU A 245 6.37 10.82 -3.18
CA LEU A 245 5.72 9.61 -3.66
C LEU A 245 6.34 8.38 -3.04
N HIS A 246 7.66 8.39 -2.93
CA HIS A 246 8.40 7.34 -2.24
C HIS A 246 7.88 7.20 -0.80
N ALA A 247 7.74 8.31 -0.09
CA ALA A 247 7.18 8.26 1.27
C ALA A 247 5.73 7.75 1.31
N LEU A 248 4.90 8.22 0.39
CA LEU A 248 3.49 7.83 0.34
C LEU A 248 3.27 6.31 0.24
N ALA A 249 4.18 5.63 -0.47
CA ALA A 249 4.02 4.21 -0.79
C ALA A 249 3.80 3.32 0.44
N PHE A 250 4.42 3.72 1.55
CA PHE A 250 4.30 3.01 2.83
C PHE A 250 2.83 2.82 3.20
N PHE A 251 2.02 3.82 2.89
CA PHE A 251 0.59 3.79 3.19
C PHE A 251 -0.26 3.38 2.00
N SER A 252 0.06 3.94 0.84
CA SER A 252 -0.79 3.77 -0.34
C SER A 252 -0.63 2.41 -1.00
N GLY A 253 0.56 1.84 -0.90
CA GLY A 253 0.91 0.69 -1.70
C GLY A 253 1.18 1.14 -3.13
N VAL A 254 1.42 0.17 -4.00
CA VAL A 254 1.72 0.44 -5.40
C VAL A 254 0.90 -0.45 -6.32
N GLY A 255 0.31 0.15 -7.33
CA GLY A 255 -0.41 -0.60 -8.36
C GLY A 255 -1.83 -0.97 -7.97
N ALA A 256 -2.28 -2.07 -8.55
CA ALA A 256 -3.67 -2.51 -8.46
C ALA A 256 -3.92 -3.51 -7.34
N LYS A 257 -5.20 -3.65 -6.97
CA LYS A 257 -5.66 -4.67 -6.04
C LYS A 257 -5.10 -4.53 -4.62
N THR A 258 -4.77 -3.31 -4.21
CA THR A 258 -4.22 -3.12 -2.86
C THR A 258 -5.20 -3.48 -1.74
N PRO A 259 -6.51 -3.32 -1.97
CA PRO A 259 -7.44 -3.77 -0.93
C PRO A 259 -7.40 -5.28 -0.73
N TYR A 260 -6.86 -5.99 -1.71
CA TYR A 260 -6.89 -7.46 -1.73
C TYR A 260 -5.53 -8.11 -1.48
N GLY A 261 -4.62 -7.38 -0.84
CA GLY A 261 -3.38 -7.98 -0.33
C GLY A 261 -2.20 -7.76 -1.25
N MET A 262 -2.46 -7.05 -2.34
CA MET A 262 -1.48 -6.85 -3.38
C MET A 262 -0.80 -5.47 -3.27
N GLY A 263 0.43 -5.35 -3.76
CA GLY A 263 1.07 -4.05 -3.87
C GLY A 263 1.60 -3.46 -2.57
N LEU A 264 1.89 -4.31 -1.59
CA LEU A 264 2.52 -3.85 -0.36
C LEU A 264 3.96 -3.45 -0.68
N ALA A 265 4.23 -2.14 -0.63
CA ALA A 265 5.52 -1.60 -1.04
C ALA A 265 6.10 -0.71 0.04
N VAL A 266 7.26 -1.11 0.55
CA VAL A 266 7.93 -0.40 1.63
C VAL A 266 9.06 0.45 1.07
N PRO A 267 9.03 1.76 1.33
CA PRO A 267 10.17 2.58 0.88
C PRO A 267 11.43 2.24 1.66
N LEU A 268 12.54 2.11 0.95
CA LEU A 268 13.84 1.85 1.57
C LEU A 268 14.74 3.08 1.41
#